data_6W0U
#
_entry.id   6W0U
#
_cell.length_a   46.029
_cell.length_b   46.029
_cell.length_c   139.457
_cell.angle_alpha   90.00
_cell.angle_beta   90.00
_cell.angle_gamma   90.00
#
_symmetry.space_group_name_H-M   'P 43 21 2'
#
loop_
_entity.id
_entity.type
_entity.pdbx_description
1 polymer Integrase
2 non-polymer '2-(2-ethynyl-5-methyl-1-benzofuran-3-yl)ethanoic acid'
3 non-polymer 'SULFATE ION'
4 non-polymer 'IODIDE ION'
5 water water
#
_entity_poly.entity_id   1
_entity_poly.type   'polypeptide(L)'
_entity_poly.pdbx_seq_one_letter_code
;GSMHGEVDCSPGIWQLD(CSO)THLEGKVILVAVHVASGYIEAEVIPAETGQETAYFLLKLAGRWPVKTVHTDNGSNFTS
TTVKAA(CSD)EWAGIKQEFGIPYNPQSQGVIESMNKELKKIIGQVRDQAEHLKTAVQMAVFIHNKKRKGGIGGYSAGER
IVDIIATDIETKE
;
_entity_poly.pdbx_strand_id   A
#
loop_
_chem_comp.id
_chem_comp.type
_chem_comp.name
_chem_comp.formula
IOD non-polymer 'IODIDE ION' 'I -1'
S0Y non-polymer '2-(2-ethynyl-5-methyl-1-benzofuran-3-yl)ethanoic acid' 'C13 H10 O3'
SO4 non-polymer 'SULFATE ION' 'O4 S -2'
#
# COMPACT_ATOMS: atom_id res chain seq x y z
N GLY A 12 -10.96 -9.10 0.62
CA GLY A 12 -9.60 -9.37 0.15
C GLY A 12 -9.17 -8.49 -1.02
N ILE A 13 -9.84 -7.38 -1.33
CA ILE A 13 -9.55 -6.61 -2.57
C ILE A 13 -8.55 -5.48 -2.31
N TRP A 14 -7.41 -5.48 -2.96
CA TRP A 14 -6.45 -4.35 -2.83
C TRP A 14 -6.17 -3.69 -4.17
N GLN A 15 -5.71 -2.45 -4.16
CA GLN A 15 -5.09 -1.73 -5.28
C GLN A 15 -3.61 -1.58 -4.93
N LEU A 16 -2.75 -1.85 -5.89
CA LEU A 16 -1.33 -1.56 -5.80
C LEU A 16 -1.00 -0.47 -6.85
N ASP A 17 -0.26 0.52 -6.39
CA ASP A 17 0.33 1.56 -7.27
C ASP A 17 1.67 1.95 -6.67
N CSO A 18 2.38 2.82 -7.36
CA CSO A 18 3.64 3.22 -6.81
CB CSO A 18 4.70 2.39 -7.44
SG CSO A 18 5.13 2.98 -9.10
C CSO A 18 3.69 4.73 -6.96
O CSO A 18 2.96 5.32 -7.78
OD CSO A 18 6.39 1.91 -9.07
N THR A 19 4.48 5.34 -6.10
CA THR A 19 4.67 6.76 -6.26
C THR A 19 6.12 7.10 -5.93
N HIS A 20 6.52 8.36 -6.16
CA HIS A 20 7.94 8.80 -6.20
C HIS A 20 8.11 10.11 -5.42
N LEU A 21 9.23 10.22 -4.73
CA LEU A 21 9.57 11.34 -3.84
C LEU A 21 11.07 11.30 -3.63
N GLU A 22 11.72 12.47 -3.76
CA GLU A 22 13.18 12.63 -3.49
C GLU A 22 13.93 11.53 -4.23
N GLY A 23 13.44 11.20 -5.43
CA GLY A 23 14.03 10.22 -6.37
C GLY A 23 13.98 8.80 -5.84
N LYS A 24 13.06 8.48 -4.93
CA LYS A 24 12.88 7.10 -4.42
C LYS A 24 11.46 6.63 -4.73
N VAL A 25 11.27 5.32 -4.83
CA VAL A 25 9.97 4.71 -5.19
C VAL A 25 9.28 4.22 -3.94
N ILE A 26 8.03 4.63 -3.79
CA ILE A 26 7.12 4.22 -2.69
C ILE A 26 6.03 3.31 -3.28
N LEU A 27 6.08 2.05 -2.93
CA LEU A 27 5.00 1.09 -3.18
C LEU A 27 3.89 1.33 -2.15
N VAL A 28 2.67 1.47 -2.63
CA VAL A 28 1.46 1.74 -1.83
C VAL A 28 0.42 0.66 -2.16
N ALA A 29 -0.01 -0.11 -1.17
CA ALA A 29 -1.22 -0.94 -1.25
C ALA A 29 -2.35 -0.28 -0.45
N VAL A 30 -3.54 -0.21 -1.08
CA VAL A 30 -4.81 0.28 -0.50
C VAL A 30 -5.78 -0.88 -0.40
N HIS A 31 -6.32 -1.10 0.78
CA HIS A 31 -7.51 -1.95 0.96
C HIS A 31 -8.75 -1.11 0.65
N VAL A 32 -9.38 -1.47 -0.44
CA VAL A 32 -10.28 -0.55 -1.19
C VAL A 32 -11.51 -0.20 -0.34
N ALA A 33 -12.14 -1.16 0.32
CA ALA A 33 -13.36 -0.97 1.14
C ALA A 33 -13.05 -0.13 2.39
N SER A 34 -11.84 -0.18 2.94
CA SER A 34 -11.42 0.50 4.20
C SER A 34 -10.67 1.82 3.93
N GLY A 35 -9.89 1.93 2.86
CA GLY A 35 -8.92 3.02 2.72
C GLY A 35 -7.66 2.79 3.53
N TYR A 36 -7.49 1.64 4.20
CA TYR A 36 -6.24 1.29 4.91
C TYR A 36 -5.08 1.21 3.88
N ILE A 37 -3.92 1.71 4.25
CA ILE A 37 -2.72 1.66 3.38
C ILE A 37 -1.55 0.98 4.06
N GLU A 38 -0.76 0.31 3.27
CA GLU A 38 0.61 -0.04 3.63
C GLU A 38 1.53 0.46 2.56
N ALA A 39 2.73 0.80 2.97
CA ALA A 39 3.64 1.37 1.99
C ALA A 39 5.04 0.94 2.34
N GLU A 40 5.92 1.14 1.38
CA GLU A 40 7.35 0.84 1.57
C GLU A 40 8.14 1.61 0.53
N VAL A 41 9.28 2.11 0.96
CA VAL A 41 10.32 2.66 0.06
C VAL A 41 11.16 1.48 -0.46
N ILE A 42 11.23 1.30 -1.76
CA ILE A 42 11.98 0.17 -2.37
C ILE A 42 13.14 0.73 -3.19
N PRO A 43 14.25 -0.04 -3.31
CA PRO A 43 15.24 0.19 -4.37
C PRO A 43 14.78 -0.24 -5.79
N ALA A 44 14.14 0.70 -6.49
CA ALA A 44 14.01 0.84 -7.96
C ALA A 44 13.06 -0.21 -8.58
N GLU A 45 11.79 -0.19 -8.17
CA GLU A 45 10.60 -0.71 -8.94
C GLU A 45 10.74 -2.19 -9.35
N THR A 46 11.72 -2.92 -8.82
CA THR A 46 12.01 -4.31 -9.22
C THR A 46 10.79 -5.22 -8.91
N GLY A 47 10.58 -6.23 -9.78
CA GLY A 47 9.86 -7.49 -9.55
C GLY A 47 10.09 -8.04 -8.14
N GLN A 48 11.32 -8.34 -7.77
CA GLN A 48 11.69 -8.91 -6.45
C GLN A 48 10.99 -8.17 -5.30
N GLU A 49 11.10 -6.85 -5.26
CA GLU A 49 10.79 -6.05 -4.05
C GLU A 49 9.26 -5.91 -3.96
N THR A 50 8.61 -5.79 -5.11
CA THR A 50 7.13 -5.82 -5.23
C THR A 50 6.62 -7.17 -4.77
N ALA A 51 7.31 -8.23 -5.16
CA ALA A 51 7.00 -9.61 -4.77
C ALA A 51 7.13 -9.72 -3.26
N TYR A 52 8.21 -9.19 -2.70
CA TYR A 52 8.48 -9.25 -1.25
C TYR A 52 7.36 -8.54 -0.49
N PHE A 53 6.98 -7.34 -0.98
CA PHE A 53 5.91 -6.50 -0.37
C PHE A 53 4.61 -7.28 -0.47
N LEU A 54 4.33 -7.91 -1.61
CA LEU A 54 3.07 -8.68 -1.72
C LEU A 54 3.07 -9.81 -0.72
N LEU A 55 4.15 -10.57 -0.62
CA LEU A 55 4.17 -11.76 0.26
C LEU A 55 3.99 -11.31 1.71
N LYS A 56 4.62 -10.21 2.11
CA LYS A 56 4.47 -9.63 3.48
C LYS A 56 2.99 -9.28 3.75
N LEU A 57 2.37 -8.53 2.86
CA LEU A 57 0.98 -8.06 2.98
C LEU A 57 0.02 -9.26 3.09
N ALA A 58 0.18 -10.26 2.27
CA ALA A 58 -0.73 -11.43 2.25
C ALA A 58 -0.60 -12.25 3.55
N GLY A 59 0.55 -12.21 4.22
CA GLY A 59 0.79 -12.96 5.48
C GLY A 59 0.14 -12.27 6.69
N ARG A 60 -0.33 -11.03 6.48
CA ARG A 60 -0.87 -10.14 7.52
C ARG A 60 -2.40 -9.99 7.41
N TRP A 61 -2.91 -9.86 6.20
CA TRP A 61 -4.32 -9.60 5.84
C TRP A 61 -4.76 -10.67 4.85
N PRO A 62 -6.08 -10.89 4.67
CA PRO A 62 -6.56 -11.68 3.54
C PRO A 62 -6.30 -10.83 2.29
N VAL A 63 -5.47 -11.33 1.36
CA VAL A 63 -5.18 -10.69 0.06
C VAL A 63 -5.63 -11.70 -1.01
N LYS A 64 -6.82 -11.49 -1.57
CA LYS A 64 -7.48 -12.34 -2.61
C LYS A 64 -7.18 -11.79 -4.01
N THR A 65 -7.34 -10.49 -4.22
CA THR A 65 -7.22 -9.88 -5.57
C THR A 65 -6.40 -8.61 -5.42
N VAL A 66 -5.42 -8.41 -6.29
CA VAL A 66 -4.70 -7.12 -6.38
C VAL A 66 -4.95 -6.53 -7.76
N HIS A 67 -5.44 -5.30 -7.79
CA HIS A 67 -5.75 -4.53 -9.00
C HIS A 67 -4.60 -3.57 -9.27
N THR A 68 -3.98 -3.63 -10.47
CA THR A 68 -3.02 -2.60 -10.94
C THR A 68 -3.51 -2.03 -12.28
N ASP A 69 -2.98 -0.87 -12.62
CA ASP A 69 -3.46 0.05 -13.67
C ASP A 69 -2.51 0.03 -14.88
N ASN A 70 -1.38 -0.69 -14.80
CA ASN A 70 -0.53 -0.82 -16.01
C ASN A 70 0.03 -2.24 -16.10
N GLY A 71 1.01 -2.42 -16.97
CA GLY A 71 1.50 -3.76 -17.31
C GLY A 71 2.71 -4.16 -16.53
N SER A 72 3.40 -3.25 -15.84
CA SER A 72 4.72 -3.60 -15.24
C SER A 72 4.62 -4.90 -14.44
N ASN A 73 3.65 -5.01 -13.56
CA ASN A 73 3.54 -6.16 -12.62
C ASN A 73 3.16 -7.44 -13.38
N PHE A 74 2.74 -7.36 -14.64
CA PHE A 74 2.44 -8.59 -15.41
C PHE A 74 3.72 -9.12 -16.06
N THR A 75 4.88 -8.48 -15.89
CA THR A 75 6.12 -8.90 -16.62
C THR A 75 7.19 -9.40 -15.64
N SER A 76 6.84 -9.56 -14.37
CA SER A 76 7.81 -9.93 -13.32
C SER A 76 7.54 -11.37 -12.97
N THR A 77 8.50 -12.22 -13.29
CA THR A 77 8.58 -13.65 -12.97
C THR A 77 8.32 -13.86 -11.47
N THR A 78 8.89 -13.06 -10.58
N THR A 78 8.93 -13.05 -10.61
CA THR A 78 8.89 -13.36 -9.11
CA THR A 78 8.95 -13.24 -9.13
C THR A 78 7.69 -12.67 -8.42
C THR A 78 7.56 -12.83 -8.59
N VAL A 79 7.02 -11.71 -9.07
CA VAL A 79 5.63 -11.30 -8.73
C VAL A 79 4.70 -12.47 -9.08
N LYS A 80 4.88 -13.09 -10.25
CA LYS A 80 4.04 -14.22 -10.72
C LYS A 80 4.13 -15.33 -9.67
N ALA A 81 5.34 -15.71 -9.27
CA ALA A 81 5.55 -16.79 -8.27
C ALA A 81 4.98 -16.40 -6.90
N ALA A 82 5.14 -15.14 -6.46
CA ALA A 82 4.51 -14.63 -5.22
C ALA A 82 2.99 -14.76 -5.29
N CSD A 83 2.42 -14.32 -6.39
CA CSD A 83 0.99 -14.39 -6.62
CB CSD A 83 0.58 -13.99 -8.03
SG CSD A 83 0.70 -12.23 -8.49
C CSD A 83 0.55 -15.83 -6.41
O CSD A 83 -0.38 -16.09 -5.69
OD1 CSD A 83 -0.24 -11.58 -7.38
OD2 CSD A 83 1.91 -11.73 -7.90
N GLU A 84 1.25 -16.77 -7.05
CA GLU A 84 0.85 -18.16 -7.05
C GLU A 84 1.08 -18.78 -5.67
N TRP A 85 2.26 -18.57 -5.08
CA TRP A 85 2.59 -19.08 -3.74
C TRP A 85 1.49 -18.75 -2.70
N ALA A 86 0.96 -17.53 -2.74
CA ALA A 86 0.19 -16.92 -1.61
C ALA A 86 -1.26 -16.91 -2.05
N GLY A 87 -1.53 -17.25 -3.30
CA GLY A 87 -2.93 -17.36 -3.76
C GLY A 87 -3.58 -16.02 -4.01
N ILE A 88 -2.82 -15.07 -4.57
CA ILE A 88 -3.25 -13.69 -4.91
C ILE A 88 -3.61 -13.65 -6.38
N LYS A 89 -4.85 -13.31 -6.74
CA LYS A 89 -5.23 -13.05 -8.15
C LYS A 89 -4.67 -11.68 -8.55
N GLN A 90 -3.80 -11.60 -9.56
CA GLN A 90 -3.43 -10.33 -10.23
C GLN A 90 -4.55 -9.98 -11.22
N GLU A 91 -5.18 -8.82 -11.09
CA GLU A 91 -6.25 -8.35 -12.01
C GLU A 91 -5.83 -6.99 -12.56
N PHE A 92 -5.92 -6.80 -13.87
CA PHE A 92 -5.66 -5.51 -14.51
C PHE A 92 -6.90 -4.63 -14.30
N GLY A 93 -6.73 -3.36 -14.01
CA GLY A 93 -7.85 -2.42 -14.13
C GLY A 93 -8.35 -2.03 -12.77
N ILE A 94 -8.52 -0.73 -12.60
CA ILE A 94 -8.82 -0.05 -11.32
C ILE A 94 -10.14 0.72 -11.49
N PRO A 95 -11.30 0.11 -11.11
CA PRO A 95 -12.64 0.70 -11.32
C PRO A 95 -13.01 1.75 -10.27
N SER A 106 -5.16 11.00 -5.44
CA SER A 106 -5.94 11.48 -4.26
C SER A 106 -5.38 10.85 -2.99
N MET A 107 -5.32 9.52 -2.95
CA MET A 107 -4.59 8.77 -1.89
C MET A 107 -3.11 9.17 -1.98
N ASN A 108 -2.45 8.92 -3.13
CA ASN A 108 -1.01 9.24 -3.36
C ASN A 108 -0.80 10.68 -2.86
N LYS A 109 -1.75 11.57 -3.19
CA LYS A 109 -1.65 13.04 -3.05
C LYS A 109 -1.71 13.45 -1.57
N GLU A 110 -2.64 12.89 -0.79
CA GLU A 110 -2.89 13.32 0.61
C GLU A 110 -1.87 12.64 1.53
N LEU A 111 -1.31 11.51 1.11
CA LEU A 111 -0.18 10.86 1.81
C LEU A 111 1.04 11.80 1.71
N LYS A 112 1.21 12.49 0.58
CA LYS A 112 2.34 13.43 0.33
C LYS A 112 2.14 14.68 1.19
N LYS A 113 0.92 15.18 1.32
CA LYS A 113 0.70 16.33 2.24
C LYS A 113 1.19 15.90 3.63
N ILE A 114 0.75 14.73 4.12
CA ILE A 114 1.12 14.30 5.51
C ILE A 114 2.63 14.07 5.55
N ILE A 115 3.26 13.58 4.47
CA ILE A 115 4.75 13.40 4.42
C ILE A 115 5.46 14.75 4.61
N GLY A 116 4.99 15.82 3.95
CA GLY A 116 5.58 17.17 4.02
C GLY A 116 5.48 17.74 5.42
N GLN A 117 4.39 17.49 6.14
CA GLN A 117 4.21 18.02 7.53
C GLN A 117 5.16 17.35 8.51
N VAL A 118 5.63 16.12 8.24
CA VAL A 118 6.52 15.34 9.16
C VAL A 118 7.95 15.36 8.66
N ARG A 119 8.17 15.61 7.35
CA ARG A 119 9.46 15.32 6.67
C ARG A 119 10.66 15.70 7.53
N ASP A 120 10.57 16.81 8.26
CA ASP A 120 11.75 17.34 8.97
C ASP A 120 11.97 16.56 10.28
N GLN A 121 10.91 15.98 10.87
CA GLN A 121 10.96 15.10 12.07
C GLN A 121 11.73 13.80 11.82
N ALA A 122 12.30 13.58 10.62
CA ALA A 122 12.89 12.28 10.22
C ALA A 122 14.14 12.48 9.39
N GLU A 123 15.21 11.74 9.65
CA GLU A 123 16.42 11.71 8.78
C GLU A 123 15.99 11.05 7.46
N HIS A 124 15.43 9.83 7.51
CA HIS A 124 15.11 9.04 6.29
C HIS A 124 13.72 9.33 5.75
N LEU A 125 13.59 9.40 4.43
CA LEU A 125 12.29 9.52 3.71
C LEU A 125 11.41 8.35 4.18
N LYS A 126 11.91 7.14 4.18
CA LYS A 126 11.07 5.98 4.57
C LYS A 126 10.38 6.19 5.96
N THR A 127 11.03 6.83 6.92
CA THR A 127 10.46 7.11 8.27
C THR A 127 9.28 8.08 8.11
N ALA A 128 9.43 9.14 7.32
CA ALA A 128 8.33 10.08 6.99
C ALA A 128 7.20 9.32 6.28
N VAL A 129 7.51 8.43 5.35
CA VAL A 129 6.43 7.61 4.69
C VAL A 129 5.67 6.82 5.75
N GLN A 130 6.38 6.16 6.65
CA GLN A 130 5.72 5.35 7.69
C GLN A 130 4.97 6.26 8.71
N MET A 131 5.47 7.45 9.04
CA MET A 131 4.73 8.40 9.91
C MET A 131 3.43 8.80 9.23
N ALA A 132 3.48 9.02 7.93
CA ALA A 132 2.30 9.39 7.11
C ALA A 132 1.33 8.22 7.02
N VAL A 133 1.82 7.01 6.81
CA VAL A 133 0.92 5.80 6.79
C VAL A 133 0.20 5.70 8.14
N PHE A 134 0.96 5.86 9.21
CA PHE A 134 0.44 5.80 10.59
C PHE A 134 -0.73 6.78 10.72
N ILE A 135 -0.52 8.05 10.39
CA ILE A 135 -1.54 9.11 10.59
C ILE A 135 -2.73 8.83 9.71
N HIS A 136 -2.52 8.45 8.45
CA HIS A 136 -3.60 8.15 7.51
C HIS A 136 -4.47 7.01 8.07
N ASN A 137 -3.86 5.94 8.56
CA ASN A 137 -4.57 4.74 9.07
C ASN A 137 -5.20 4.96 10.45
N LYS A 138 -4.66 5.85 11.29
CA LYS A 138 -5.22 6.05 12.65
C LYS A 138 -6.19 7.24 12.68
N LYS A 139 -6.06 8.23 11.80
CA LYS A 139 -6.92 9.45 11.77
C LYS A 139 -8.39 9.03 11.72
N ARG A 140 -9.27 9.86 12.25
CA ARG A 140 -10.69 9.86 11.84
C ARG A 140 -10.84 10.89 10.72
N LYS A 141 -11.81 10.63 9.84
CA LYS A 141 -12.21 11.47 8.70
C LYS A 141 -12.71 12.81 9.23
N GLY A 142 -12.03 13.89 8.85
CA GLY A 142 -12.29 15.25 9.35
C GLY A 142 -12.15 15.37 10.87
N GLY A 143 -11.41 14.48 11.52
CA GLY A 143 -10.76 14.71 12.85
C GLY A 143 -11.61 14.29 14.05
N ILE A 144 -12.87 13.90 13.84
CA ILE A 144 -13.82 13.51 14.91
C ILE A 144 -14.80 12.46 14.37
N GLY A 145 -15.19 11.52 15.24
CA GLY A 145 -16.35 10.61 15.05
C GLY A 145 -16.06 9.53 14.01
N GLY A 146 -16.77 8.40 14.10
CA GLY A 146 -16.64 7.33 13.11
C GLY A 146 -15.30 6.66 13.28
N TYR A 147 -14.80 6.00 12.24
CA TYR A 147 -13.75 4.97 12.38
C TYR A 147 -12.54 5.37 11.55
N SER A 148 -11.36 5.02 12.04
CA SER A 148 -10.11 5.09 11.24
C SER A 148 -10.13 4.00 10.15
N ALA A 149 -9.34 4.20 9.09
CA ALA A 149 -9.05 3.16 8.08
C ALA A 149 -8.56 1.87 8.78
N GLY A 150 -7.66 1.97 9.75
CA GLY A 150 -7.15 0.83 10.54
C GLY A 150 -8.25 0.10 11.27
N GLU A 151 -9.21 0.84 11.84
CA GLU A 151 -10.41 0.21 12.50
C GLU A 151 -11.36 -0.41 11.46
N ARG A 152 -11.58 0.24 10.32
CA ARG A 152 -12.53 -0.28 9.30
C ARG A 152 -11.97 -1.57 8.71
N ILE A 153 -10.67 -1.67 8.45
CA ILE A 153 -10.15 -2.92 7.84
C ILE A 153 -10.40 -4.07 8.83
N VAL A 154 -10.15 -3.87 10.12
CA VAL A 154 -10.33 -4.91 11.18
C VAL A 154 -11.82 -5.26 11.30
N ASP A 155 -12.69 -4.24 11.41
CA ASP A 155 -14.16 -4.41 11.38
C ASP A 155 -14.59 -5.15 10.08
N ILE A 156 -14.09 -4.83 8.87
CA ILE A 156 -14.60 -5.57 7.67
C ILE A 156 -14.20 -7.06 7.70
N ILE A 157 -12.98 -7.38 8.15
CA ILE A 157 -12.45 -8.78 8.18
C ILE A 157 -13.03 -9.53 9.37
N ALA A 158 -13.36 -8.85 10.47
CA ALA A 158 -14.00 -9.50 11.63
C ALA A 158 -15.40 -10.01 11.19
N THR A 159 -16.19 -9.16 10.54
CA THR A 159 -17.31 -9.55 9.63
C THR A 159 -16.72 -9.90 8.26
C10 S0Y B . 11.47 -13.31 -3.75
C15 S0Y B . 10.16 -14.03 -3.63
C01 S0Y B . 7.72 -16.95 -4.22
C02 S0Y B . 8.28 -15.62 -3.74
C03 S0Y B . 7.48 -14.69 -2.97
C04 S0Y B . 8.03 -13.45 -2.52
C05 S0Y B . 9.37 -13.12 -2.85
O06 S0Y B . 10.10 -11.99 -2.51
C07 S0Y B . 11.45 -12.12 -3.07
C08 S0Y B . 12.46 -11.00 -2.86
C09 S0Y B . 13.30 -10.12 -2.70
C11 S0Y B . 12.85 -13.79 -4.50
C12 S0Y B . 13.50 -14.99 -3.72
O13 S0Y B . 13.40 -16.15 -4.24
O14 S0Y B . 13.98 -14.68 -2.57
C16 S0Y B . 9.59 -15.24 -4.05
S SO4 C . 3.72 9.88 -9.07
O1 SO4 C . 3.07 10.75 -10.02
O2 SO4 C . 4.43 8.83 -9.79
O3 SO4 C . 4.66 10.64 -8.27
O4 SO4 C . 2.70 9.30 -8.22
I IOD D . 0.00 -8.02 -8.57
I IOD E . 10.89 11.69 -7.84
I IOD F . 14.93 6.02 2.59
I IOD G . 11.54 -10.23 -12.17
I IOD H . -11.09 -2.26 -7.18
#